data_6VJW
#
_entry.id   6VJW
#
_cell.length_a   40.350
_cell.length_b   58.433
_cell.length_c   101.142
_cell.angle_alpha   90.000
_cell.angle_beta   90.000
_cell.angle_gamma   90.000
#
_symmetry.space_group_name_H-M   'P 21 21 21'
#
loop_
_entity.id
_entity.type
_entity.pdbx_description
1 polymer 'Methyl-CpG-binding domain protein 4'
2 polymer "DNA (5'-D(*CP*CP*AP*GP*CP*GP*(ORP)P*GP*CP*AP*GP*C)-3')"
3 polymer "DNA (5'-D(*GP*CP*TP*GP*CP*GP*CP*GP*CP*TP*GP*G)-3')"
4 water water
#
loop_
_entity_poly.entity_id
_entity_poly.type
_entity_poly.pdbx_seq_one_letter_code
_entity_poly.pdbx_strand_id
1 'polypeptide(L)'
;WTPPRSPFNLVQETLFHDPWKLLIATIFLNRTSGKMAIPVLWKFLEKYPSAEVARTADWRDVSELLKPLGLYDLRAKTIV
KFSDEYLTKQWKYPIELHGIGKYGNDSYRIFCVNEWKQVHPEDHKLNKYHDWLWENHE
;
A
2 'polydeoxyribonucleotide' (DC)(DC)(DA)(DG)(DC)(DG)(ORP)(DG)(DC)(DA)(DG)(DC) C
3 'polydeoxyribonucleotide' (DG)(DC)(DT)(DG)(DC)(DG)(DC)(DG)(DC)(DT)(DG)(DG) D
#
# COMPACT_ATOMS: atom_id res chain seq x y z
N TRP A 1 9.96 -3.07 -15.50
CA TRP A 1 10.44 -3.61 -14.23
C TRP A 1 9.36 -4.45 -13.56
N THR A 2 9.63 -5.73 -13.37
CA THR A 2 8.70 -6.62 -12.68
C THR A 2 9.38 -7.17 -11.45
N PRO A 3 8.93 -6.82 -10.25
CA PRO A 3 9.53 -7.41 -9.04
C PRO A 3 9.29 -8.91 -9.01
N PRO A 4 10.34 -9.70 -8.79
CA PRO A 4 10.17 -11.16 -8.78
C PRO A 4 9.42 -11.64 -7.57
N ARG A 5 8.70 -12.75 -7.75
CA ARG A 5 7.97 -13.37 -6.66
C ARG A 5 8.92 -14.10 -5.72
N SER A 6 8.55 -14.18 -4.46
CA SER A 6 9.41 -14.55 -3.35
C SER A 6 8.77 -15.66 -2.54
N PRO A 7 9.51 -16.28 -1.62
CA PRO A 7 8.89 -17.25 -0.72
C PRO A 7 8.14 -16.63 0.44
N PHE A 8 8.13 -15.30 0.55
CA PHE A 8 7.37 -14.67 1.62
C PHE A 8 5.98 -14.25 1.18
N ASN A 9 5.73 -14.18 -0.13
CA ASN A 9 4.40 -13.89 -0.70
C ASN A 9 3.78 -12.64 -0.10
N LEU A 10 4.56 -11.55 -0.06
CA LEU A 10 3.99 -10.28 0.34
C LEU A 10 2.95 -9.85 -0.68
N VAL A 11 1.89 -9.22 -0.20
CA VAL A 11 0.81 -8.84 -1.10
C VAL A 11 1.25 -7.79 -2.12
N GLN A 12 2.33 -7.06 -1.84
CA GLN A 12 2.86 -6.10 -2.80
C GLN A 12 3.22 -6.80 -4.12
N GLU A 13 3.65 -8.06 -4.04
CA GLU A 13 4.07 -8.82 -5.21
C GLU A 13 2.95 -8.98 -6.23
N THR A 14 1.71 -9.06 -5.76
CA THR A 14 0.59 -9.18 -6.68
C THR A 14 -0.11 -7.87 -6.96
N LEU A 15 0.38 -6.74 -6.44
CA LEU A 15 -0.31 -5.46 -6.64
C LEU A 15 0.60 -4.37 -7.22
N PHE A 16 1.88 -4.68 -7.44
CA PHE A 16 2.86 -3.70 -7.91
C PHE A 16 2.41 -3.07 -9.21
N HIS A 17 1.56 -3.71 -9.99
CA HIS A 17 1.25 -3.16 -11.34
C HIS A 17 0.39 -1.94 -11.20
N ASP A 18 -0.22 -1.78 -10.04
CA ASP A 18 -1.07 -0.60 -9.85
C ASP A 18 -0.61 0.12 -8.60
N PRO A 19 0.22 1.16 -8.72
CA PRO A 19 0.71 1.85 -7.52
C PRO A 19 -0.39 2.23 -6.53
N TRP A 20 -1.56 2.67 -6.99
CA TRP A 20 -2.57 3.12 -6.03
C TRP A 20 -3.04 1.95 -5.17
N LYS A 21 -3.26 0.79 -5.78
CA LYS A 21 -3.71 -0.38 -5.04
C LYS A 21 -2.62 -0.87 -4.09
N LEU A 22 -1.36 -0.86 -4.52
CA LEU A 22 -0.30 -1.27 -3.62
C LEU A 22 -0.24 -0.37 -2.40
N LEU A 23 -0.38 0.94 -2.59
CA LEU A 23 -0.29 1.88 -1.47
C LEU A 23 -1.50 1.76 -0.54
N ILE A 24 -2.71 1.64 -1.10
CA ILE A 24 -3.89 1.35 -0.29
C ILE A 24 -3.63 0.12 0.58
N ALA A 25 -3.00 -0.92 0.02
CA ALA A 25 -2.69 -2.11 0.81
C ALA A 25 -1.75 -1.80 1.97
N THR A 26 -0.70 -1.02 1.72
CA THR A 26 0.19 -0.65 2.83
C THR A 26 -0.57 0.06 3.95
N ILE A 27 -1.51 0.94 3.60
CA ILE A 27 -2.33 1.62 4.61
C ILE A 27 -3.17 0.60 5.40
N PHE A 28 -3.77 -0.38 4.70
CA PHE A 28 -4.54 -1.41 5.37
C PHE A 28 -3.68 -2.20 6.38
N LEU A 29 -2.37 -2.25 6.16
CA LEU A 29 -1.49 -3.00 7.06
C LEU A 29 -0.94 -2.15 8.19
N ASN A 30 -1.23 -0.84 8.25
CA ASN A 30 -0.76 -0.05 9.39
C ASN A 30 -1.27 -0.64 10.71
N ARG A 31 -0.37 -1.17 11.53
CA ARG A 31 -0.70 -1.71 12.85
C ARG A 31 -1.85 -2.73 12.80
N THR A 32 -1.95 -3.46 11.69
CA THR A 32 -3.04 -4.39 11.44
C THR A 32 -2.46 -5.63 10.78
N SER A 33 -2.75 -6.81 11.31
CA SER A 33 -2.18 -8.02 10.75
C SER A 33 -2.74 -8.26 9.35
N GLY A 34 -1.89 -8.80 8.47
CA GLY A 34 -2.31 -9.02 7.09
C GLY A 34 -3.48 -9.96 7.02
N LYS A 35 -3.54 -10.88 7.98
CA LYS A 35 -4.59 -11.94 8.06
C LYS A 35 -5.95 -11.26 8.23
N MET A 36 -6.03 -10.22 9.03
CA MET A 36 -7.23 -9.42 9.17
C MET A 36 -7.42 -8.48 7.98
N ALA A 37 -6.35 -7.79 7.57
CA ALA A 37 -6.52 -6.65 6.68
C ALA A 37 -6.81 -7.06 5.23
N ILE A 38 -6.06 -8.04 4.70
CA ILE A 38 -6.11 -8.30 3.26
C ILE A 38 -7.49 -8.78 2.80
N PRO A 39 -8.17 -9.69 3.51
CA PRO A 39 -9.57 -10.00 3.15
C PRO A 39 -10.43 -8.75 2.96
N VAL A 40 -10.42 -7.82 3.93
CA VAL A 40 -11.19 -6.60 3.79
C VAL A 40 -10.69 -5.74 2.64
N LEU A 41 -9.39 -5.85 2.32
CA LEU A 41 -8.86 -5.05 1.21
C LEU A 41 -9.53 -5.43 -0.10
N TRP A 42 -9.76 -6.74 -0.32
CA TRP A 42 -10.48 -7.15 -1.52
C TRP A 42 -11.90 -6.59 -1.51
N LYS A 43 -12.50 -6.51 -0.32
CA LYS A 43 -13.82 -5.91 -0.24
C LYS A 43 -13.77 -4.42 -0.59
N PHE A 44 -12.78 -3.71 -0.04
CA PHE A 44 -12.64 -2.30 -0.37
C PHE A 44 -12.45 -2.10 -1.87
N LEU A 45 -11.56 -2.88 -2.48
CA LEU A 45 -11.28 -2.64 -3.89
C LEU A 45 -12.47 -2.95 -4.78
N GLU A 46 -13.35 -3.86 -4.34
CA GLU A 46 -14.58 -4.09 -5.10
C GLU A 46 -15.46 -2.84 -5.08
N LYS A 47 -15.78 -2.35 -3.87
CA LYS A 47 -16.60 -1.16 -3.78
C LYS A 47 -15.89 0.08 -4.31
N TYR A 48 -14.56 0.10 -4.28
CA TYR A 48 -13.79 1.27 -4.72
C TYR A 48 -12.58 0.83 -5.54
N PRO A 49 -12.73 0.67 -6.86
CA PRO A 49 -11.70 -0.01 -7.64
C PRO A 49 -10.58 0.89 -8.15
N SER A 50 -10.63 2.19 -7.86
CA SER A 50 -9.62 3.11 -8.39
C SER A 50 -9.58 4.35 -7.51
N ALA A 51 -8.49 5.12 -7.67
CA ALA A 51 -8.37 6.39 -6.96
C ALA A 51 -9.50 7.33 -7.34
N GLU A 52 -9.90 7.31 -8.61
CA GLU A 52 -10.97 8.19 -9.08
C GLU A 52 -12.26 7.93 -8.30
N VAL A 53 -12.60 6.66 -8.08
CA VAL A 53 -13.80 6.34 -7.31
C VAL A 53 -13.59 6.64 -5.82
N ALA A 54 -12.44 6.23 -5.26
CA ALA A 54 -12.20 6.41 -3.83
C ALA A 54 -12.11 7.88 -3.44
N ARG A 55 -11.56 8.71 -4.30
CA ARG A 55 -11.51 10.14 -4.05
C ARG A 55 -12.87 10.75 -3.76
N THR A 56 -13.94 10.16 -4.27
CA THR A 56 -15.28 10.74 -4.14
C THR A 56 -16.09 10.03 -3.07
N ALA A 57 -15.46 9.17 -2.29
CA ALA A 57 -16.20 8.32 -1.38
C ALA A 57 -16.60 9.07 -0.12
N ASP A 58 -17.69 8.61 0.50
CA ASP A 58 -18.06 9.08 1.82
C ASP A 58 -17.19 8.35 2.83
N TRP A 59 -16.41 9.11 3.61
CA TRP A 59 -15.46 8.48 4.52
C TRP A 59 -16.16 7.59 5.54
N ARG A 60 -17.44 7.86 5.81
CA ARG A 60 -18.20 7.00 6.73
C ARG A 60 -18.41 5.61 6.15
N ASP A 61 -18.75 5.53 4.86
CA ASP A 61 -18.87 4.23 4.22
C ASP A 61 -17.56 3.44 4.35
N VAL A 62 -16.43 4.07 3.99
CA VAL A 62 -15.13 3.41 4.10
C VAL A 62 -14.91 2.95 5.54
N SER A 63 -15.22 3.83 6.49
CA SER A 63 -15.07 3.49 7.90
C SER A 63 -15.80 2.19 8.24
N GLU A 64 -17.00 1.99 7.66
CA GLU A 64 -17.76 0.79 7.97
C GLU A 64 -17.03 -0.47 7.54
N LEU A 65 -16.41 -0.45 6.36
CA LEU A 65 -15.59 -1.58 5.96
C LEU A 65 -14.43 -1.80 6.92
N LEU A 66 -13.85 -0.72 7.43
CA LEU A 66 -12.63 -0.80 8.21
C LEU A 66 -12.86 -1.12 9.68
N LYS A 67 -14.11 -1.01 10.18
CA LYS A 67 -14.46 -1.17 11.58
C LYS A 67 -13.76 -2.34 12.27
N PRO A 68 -13.90 -3.59 11.79
CA PRO A 68 -13.33 -4.72 12.56
C PRO A 68 -11.82 -4.79 12.53
N LEU A 69 -11.17 -4.01 11.65
CA LEU A 69 -9.71 -3.94 11.62
C LEU A 69 -9.15 -2.98 12.65
N GLY A 70 -9.97 -2.12 13.22
CA GLY A 70 -9.49 -1.04 14.05
C GLY A 70 -9.03 0.14 13.19
N LEU A 71 -8.69 1.23 13.87
CA LEU A 71 -8.26 2.46 13.21
C LEU A 71 -9.11 2.71 11.98
N TYR A 72 -10.43 2.70 12.20
CA TYR A 72 -11.41 2.77 11.14
C TYR A 72 -11.82 4.19 10.79
N ASP A 73 -11.71 5.16 11.73
CA ASP A 73 -12.06 6.56 11.43
C ASP A 73 -10.91 7.33 10.79
N LEU A 74 -9.76 7.37 11.49
CA LEU A 74 -8.53 7.95 10.94
C LEU A 74 -8.27 7.47 9.51
N ARG A 75 -8.17 6.16 9.34
CA ARG A 75 -7.73 5.60 8.07
C ARG A 75 -8.76 5.77 6.98
N ALA A 76 -10.05 5.76 7.33
CA ALA A 76 -11.07 6.04 6.32
C ALA A 76 -10.89 7.44 5.76
N LYS A 77 -10.65 8.42 6.63
CA LYS A 77 -10.40 9.78 6.15
C LYS A 77 -9.07 9.87 5.43
N THR A 78 -8.04 9.17 5.92
CA THR A 78 -6.76 9.17 5.23
C THR A 78 -6.89 8.64 3.81
N ILE A 79 -7.61 7.53 3.64
CA ILE A 79 -7.72 6.88 2.33
C ILE A 79 -8.36 7.82 1.30
N VAL A 80 -9.38 8.58 1.71
CA VAL A 80 -10.03 9.51 0.79
C VAL A 80 -9.07 10.62 0.38
N LYS A 81 -8.43 11.27 1.36
CA LYS A 81 -7.50 12.36 1.07
C LYS A 81 -6.31 11.85 0.26
N PHE A 82 -5.70 10.73 0.69
CA PHE A 82 -4.60 10.13 -0.07
C PHE A 82 -4.98 9.89 -1.52
N SER A 83 -6.16 9.31 -1.76
CA SER A 83 -6.60 9.08 -3.14
C SER A 83 -6.81 10.39 -3.90
N ASP A 84 -7.24 11.47 -3.24
CA ASP A 84 -7.32 12.76 -3.91
C ASP A 84 -5.93 13.30 -4.22
N GLU A 85 -5.02 13.28 -3.24
CA GLU A 85 -3.66 13.78 -3.49
C GLU A 85 -2.94 12.95 -4.54
N TYR A 86 -3.15 11.62 -4.53
CA TYR A 86 -2.56 10.74 -5.52
C TYR A 86 -2.82 11.22 -6.96
N LEU A 87 -3.98 11.83 -7.22
CA LEU A 87 -4.27 12.26 -8.58
C LEU A 87 -4.08 13.77 -8.82
N THR A 88 -3.96 14.58 -7.77
CA THR A 88 -3.81 16.02 -7.93
C THR A 88 -2.41 16.55 -7.68
N LYS A 89 -1.67 15.97 -6.72
CA LYS A 89 -0.28 16.39 -6.54
C LYS A 89 0.58 15.73 -7.60
N GLN A 90 1.60 16.44 -8.06
CA GLN A 90 2.51 15.81 -9.03
C GLN A 90 3.74 15.27 -8.30
N TRP A 91 3.52 14.16 -7.61
CA TRP A 91 4.53 13.51 -6.79
C TRP A 91 5.46 12.66 -7.63
N LYS A 92 6.69 12.48 -7.14
CA LYS A 92 7.58 11.46 -7.66
C LYS A 92 7.64 10.21 -6.79
N TYR A 93 7.63 10.39 -5.47
CA TYR A 93 7.53 9.28 -4.52
C TYR A 93 6.29 9.45 -3.66
N PRO A 94 5.57 8.35 -3.36
CA PRO A 94 4.29 8.49 -2.64
C PRO A 94 4.43 8.98 -1.22
N ILE A 95 5.64 9.02 -0.64
CA ILE A 95 5.82 9.60 0.69
C ILE A 95 5.37 11.06 0.70
N GLU A 96 5.39 11.72 -0.46
CA GLU A 96 4.90 13.08 -0.61
C GLU A 96 3.40 13.19 -0.39
N LEU A 97 2.70 12.07 -0.30
CA LEU A 97 1.25 12.06 -0.24
C LEU A 97 0.80 11.73 1.17
N HIS A 98 -0.32 12.33 1.56
CA HIS A 98 -0.88 12.15 2.88
C HIS A 98 -1.22 10.69 3.12
N GLY A 99 -0.83 10.18 4.29
CA GLY A 99 -1.12 8.81 4.64
C GLY A 99 -0.05 7.79 4.26
N ILE A 100 0.96 8.20 3.48
CA ILE A 100 2.06 7.32 3.10
C ILE A 100 3.31 7.81 3.80
N GLY A 101 3.91 6.95 4.63
CA GLY A 101 5.18 7.21 5.24
C GLY A 101 6.27 6.37 4.63
N LYS A 102 7.32 6.11 5.42
CA LYS A 102 8.46 5.37 4.91
C LYS A 102 8.10 3.93 4.49
N TYR A 103 7.22 3.28 5.24
CA TYR A 103 6.89 1.90 4.89
C TYR A 103 6.21 1.83 3.53
N GLY A 104 5.14 2.62 3.32
CA GLY A 104 4.54 2.70 1.99
C GLY A 104 5.50 3.17 0.93
N ASN A 105 6.41 4.08 1.28
CA ASN A 105 7.35 4.57 0.26
C ASN A 105 8.39 3.52 -0.07
N ASP A 106 8.94 2.84 0.95
CA ASP A 106 9.83 1.71 0.71
C ASP A 106 9.16 0.64 -0.15
N SER A 107 7.87 0.35 0.08
CA SER A 107 7.16 -0.62 -0.73
C SER A 107 7.11 -0.17 -2.19
N TYR A 108 6.74 1.09 -2.41
CA TYR A 108 6.68 1.62 -3.77
C TYR A 108 8.03 1.53 -4.45
N ARG A 109 9.11 1.86 -3.74
CA ARG A 109 10.42 1.93 -4.35
C ARG A 109 11.05 0.56 -4.56
N ILE A 110 10.54 -0.47 -3.91
CA ILE A 110 10.98 -1.84 -4.23
C ILE A 110 10.09 -2.46 -5.31
N PHE A 111 8.78 -2.20 -5.31
CA PHE A 111 7.92 -2.98 -6.19
C PHE A 111 7.45 -2.23 -7.43
N CYS A 112 7.23 -0.92 -7.34
CA CYS A 112 6.61 -0.19 -8.44
C CYS A 112 7.63 0.41 -9.39
N VAL A 113 8.80 0.79 -8.88
CA VAL A 113 9.92 1.29 -9.67
C VAL A 113 11.16 0.47 -9.31
N ASN A 114 12.16 0.51 -10.19
CA ASN A 114 13.37 -0.32 -10.06
C ASN A 114 14.41 0.34 -9.16
N GLU A 115 14.05 0.55 -7.90
CA GLU A 115 14.91 1.28 -6.99
C GLU A 115 15.25 0.48 -5.75
N TRP A 116 15.08 -0.84 -5.79
CA TRP A 116 15.22 -1.63 -4.58
C TRP A 116 16.64 -1.55 -4.00
N LYS A 117 17.65 -1.32 -4.83
CA LYS A 117 19.00 -1.25 -4.28
C LYS A 117 19.25 0.01 -3.47
N GLN A 118 18.48 1.08 -3.69
CA GLN A 118 18.59 2.31 -2.91
C GLN A 118 17.79 2.29 -1.62
N VAL A 119 16.99 1.27 -1.38
CA VAL A 119 16.03 1.24 -0.28
C VAL A 119 16.64 0.53 0.92
N HIS A 120 16.33 1.02 2.12
CA HIS A 120 16.79 0.42 3.39
C HIS A 120 15.60 0.26 4.33
N PRO A 121 14.80 -0.77 4.14
CA PRO A 121 13.54 -0.86 4.88
C PRO A 121 13.77 -1.16 6.35
N GLU A 122 12.78 -0.78 7.14
CA GLU A 122 12.74 -1.09 8.57
C GLU A 122 11.54 -1.95 8.94
N ASP A 123 10.57 -2.10 8.03
CA ASP A 123 9.52 -3.08 8.20
C ASP A 123 10.08 -4.51 8.10
N HIS A 124 9.61 -5.39 8.96
CA HIS A 124 10.13 -6.75 9.04
C HIS A 124 9.93 -7.51 7.73
N LYS A 125 8.70 -7.52 7.20
CA LYS A 125 8.41 -8.26 5.97
C LYS A 125 9.15 -7.68 4.78
N LEU A 126 9.16 -6.35 4.64
CA LEU A 126 9.96 -5.70 3.60
C LEU A 126 11.42 -6.12 3.71
N ASN A 127 11.94 -6.20 4.93
CA ASN A 127 13.34 -6.61 5.10
C ASN A 127 13.56 -8.05 4.65
N LYS A 128 12.64 -8.96 4.98
CA LYS A 128 12.74 -10.33 4.47
C LYS A 128 12.81 -10.34 2.96
N TYR A 129 11.92 -9.57 2.30
CA TYR A 129 11.88 -9.59 0.85
C TYR A 129 13.13 -8.96 0.27
N HIS A 130 13.51 -7.80 0.83
CA HIS A 130 14.65 -7.02 0.33
C HIS A 130 15.97 -7.76 0.56
N ASP A 131 16.10 -8.48 1.69
CA ASP A 131 17.32 -9.25 1.91
C ASP A 131 17.42 -10.40 0.91
N TRP A 132 16.29 -11.08 0.68
CA TRP A 132 16.24 -12.12 -0.32
C TRP A 132 16.57 -11.58 -1.71
N LEU A 133 16.17 -10.36 -2.01
CA LEU A 133 16.48 -9.77 -3.31
C LEU A 133 17.99 -9.55 -3.47
N TRP A 134 18.64 -9.06 -2.43
CA TRP A 134 20.09 -8.82 -2.54
C TRP A 134 20.84 -10.14 -2.71
N GLU A 135 20.30 -11.22 -2.14
CA GLU A 135 20.91 -12.55 -2.28
C GLU A 135 20.76 -13.09 -3.70
N ASN A 136 19.54 -13.05 -4.25
CA ASN A 136 19.21 -13.80 -5.46
C ASN A 136 19.17 -12.95 -6.70
N HIS A 137 19.42 -11.66 -6.54
CA HIS A 137 19.78 -10.69 -7.57
C HIS A 137 20.17 -11.29 -8.92
N GLU A 138 21.38 -11.86 -9.03
CA GLU A 138 21.94 -12.26 -10.32
C GLU A 138 21.35 -13.55 -10.87
#